data_5M24
#
_entry.id   5M24
#
_cell.length_a   59.871
_cell.length_b   59.871
_cell.length_c   157.350
_cell.angle_alpha   90.00
_cell.angle_beta   90.00
_cell.angle_gamma   90.00
#
_symmetry.space_group_name_H-M   'P 41 21 2'
#
loop_
_entity.id
_entity.type
_entity.pdbx_description
1 polymer 'Retinoic acid receptor gamma'
2 non-polymer '(9cis)-retinoic acid'
3 non-polymer DODECYL-ALPHA-D-MALTOSIDE
4 non-polymer 'CHLORIDE ION'
5 water water
#
_entity_poly.entity_id   1
_entity_poly.type   'polypeptide(L)'
_entity_poly.pdbx_seq_one_letter_code
;GSHMDSYELSPQLEELITKVSKAHQETFPSLCQLGKYTTNSSADHRVQLDLGLWDKFSELATKCIIKIVEFAKRLPGFTG
LSIADQITLLKAACLDILMLRICTRYTPEQDTMTFSDGLTLNRTQMHNAGFGPLTDLVFAFAGQLLPLEMDDTETGLLSA
ICLICGDRMDLEEPEKVDKLQEPLLEALRLYARRRRPEQPYMFPRMLMKITDLRGISTKGAERAITLKMEIPGPMPPLIR
EMLENPEMFE
;
_entity_poly.pdbx_strand_id   A
#
loop_
_chem_comp.id
_chem_comp.type
_chem_comp.name
_chem_comp.formula
9CR non-polymer '(9cis)-retinoic acid' 'C20 H28 O2'
CL non-polymer 'CHLORIDE ION' 'Cl -1'
LMU D-saccharide DODECYL-ALPHA-D-MALTOSIDE 'C24 H46 O11'
#
# COMPACT_ATOMS: atom_id res chain seq x y z
N LEU A 9 -13.47 14.67 22.96
CA LEU A 9 -12.72 13.38 23.05
C LEU A 9 -13.65 12.22 23.39
N SER A 10 -13.42 11.07 22.73
CA SER A 10 -14.16 9.86 23.06
C SER A 10 -13.20 8.67 23.15
N PRO A 11 -13.42 7.81 24.16
CA PRO A 11 -12.63 6.59 24.32
C PRO A 11 -12.72 5.68 23.10
N GLN A 12 -13.88 5.65 22.43
CA GLN A 12 -14.08 4.80 21.26
C GLN A 12 -13.17 5.20 20.11
N LEU A 13 -12.99 6.49 19.90
CA LEU A 13 -12.11 6.97 18.82
C LEU A 13 -10.65 6.68 19.12
N GLU A 14 -10.26 6.88 20.38
CA GLU A 14 -8.90 6.58 20.80
C GLU A 14 -8.59 5.09 20.64
N GLU A 15 -9.56 4.25 20.99
CA GLU A 15 -9.42 2.80 20.81
C GLU A 15 -9.30 2.43 19.34
N LEU A 16 -10.08 3.10 18.48
CA LEU A 16 -10.00 2.86 17.04
C LEU A 16 -8.59 3.16 16.50
N ILE A 17 -8.03 4.30 16.91
CA ILE A 17 -6.69 4.69 16.49
C ILE A 17 -5.67 3.58 16.81
N THR A 18 -5.71 3.11 18.06
CA THR A 18 -4.74 2.11 18.50
C THR A 18 -4.96 0.75 17.85
N LYS A 19 -6.22 0.39 17.63
CA LYS A 19 -6.56 -0.86 16.94
C LYS A 19 -6.01 -0.88 15.52
N VAL A 20 -6.18 0.22 14.79
CA VAL A 20 -5.72 0.30 13.40
C VAL A 20 -4.19 0.35 13.37
N SER A 21 -3.60 1.14 14.27
CA SER A 21 -2.15 1.21 14.36
C SER A 21 -1.56 -0.18 14.59
N LYS A 22 -2.11 -0.90 15.57
CA LYS A 22 -1.64 -2.26 15.90
C LYS A 22 -1.80 -3.21 14.71
N ALA A 23 -2.96 -3.16 14.05
CA ALA A 23 -3.23 -4.01 12.88
C ALA A 23 -2.20 -3.75 11.77
N HIS A 24 -1.87 -2.47 11.56
CA HIS A 24 -0.87 -2.11 10.57
C HIS A 24 0.52 -2.63 10.96
N GLN A 25 0.95 -2.30 12.18
CA GLN A 25 2.29 -2.68 12.62
C GLN A 25 2.50 -4.19 12.62
N GLU A 26 1.44 -4.94 12.95
CA GLU A 26 1.53 -6.40 13.01
C GLU A 26 1.39 -7.10 11.67
N THR A 27 1.09 -6.34 10.60
CA THR A 27 1.07 -6.89 9.24
C THR A 27 2.06 -6.20 8.29
N PHE A 28 2.82 -5.25 8.82
CA PHE A 28 3.78 -4.45 8.05
C PHE A 28 5.01 -4.13 8.90
N PRO A 29 6.08 -4.93 8.75
CA PRO A 29 7.33 -4.66 9.47
C PRO A 29 7.90 -3.30 9.10
N SER A 30 8.40 -2.57 10.10
CA SER A 30 9.01 -1.26 9.88
C SER A 30 10.41 -1.43 9.33
N LEU A 31 10.84 -0.46 8.53
CA LEU A 31 12.17 -0.46 7.94
C LEU A 31 13.27 -0.58 9.01
N CYS A 32 13.04 0.06 10.15
CA CYS A 32 14.01 0.04 11.26
C CYS A 32 14.16 -1.33 11.93
N GLN A 33 13.08 -2.11 11.95
CA GLN A 33 13.09 -3.42 12.59
C GLN A 33 13.59 -4.52 11.65
N LEU A 34 13.71 -4.21 10.37
CA LEU A 34 14.10 -5.21 9.38
C LEU A 34 15.60 -5.36 9.26
N GLY A 35 16.04 -6.61 9.12
CA GLY A 35 17.42 -6.91 8.80
C GLY A 35 17.54 -6.86 7.29
N LYS A 36 18.05 -5.74 6.78
CA LYS A 36 18.20 -5.53 5.35
C LYS A 36 19.26 -6.45 4.78
N TYR A 37 18.99 -6.96 3.58
CA TYR A 37 19.99 -7.71 2.81
C TYR A 37 19.83 -7.42 1.34
N THR A 38 20.89 -7.68 0.59
CA THR A 38 20.97 -7.33 -0.83
C THR A 38 21.08 -8.56 -1.74
N THR A 39 20.99 -8.30 -3.05
CA THR A 39 21.29 -9.30 -4.08
C THR A 39 22.18 -8.61 -5.13
N ASN A 40 23.02 -9.39 -5.81
CA ASN A 40 23.84 -8.82 -6.88
C ASN A 40 23.25 -9.03 -8.27
N SER A 41 21.99 -9.48 -8.33
CA SER A 41 21.31 -9.75 -9.60
C SER A 41 21.02 -8.48 -10.40
N SER A 42 21.52 -8.44 -11.64
CA SER A 42 21.28 -7.36 -12.59
C SER A 42 21.28 -5.96 -11.95
N ALA A 43 22.34 -5.60 -11.28
CA ALA A 43 22.35 -4.46 -10.39
C ALA A 43 22.75 -3.17 -11.03
N ASP A 44 23.37 -3.26 -12.20
CA ASP A 44 23.94 -2.10 -12.87
C ASP A 44 23.28 -1.55 -14.11
N HIS A 45 22.64 -2.40 -14.90
CA HIS A 45 22.01 -1.97 -16.15
C HIS A 45 20.55 -2.42 -16.22
N ARG A 46 19.71 -1.56 -16.77
CA ARG A 46 18.30 -1.87 -16.96
C ARG A 46 18.10 -2.87 -18.09
N VAL A 47 17.39 -3.95 -17.77
CA VAL A 47 16.98 -4.95 -18.75
C VAL A 47 15.46 -5.09 -18.74
N GLN A 48 14.91 -5.74 -19.76
CA GLN A 48 13.47 -5.95 -19.87
C GLN A 48 12.87 -6.62 -18.63
N LEU A 49 13.51 -7.72 -18.21
CA LEU A 49 13.10 -8.48 -17.01
C LEU A 49 14.17 -9.48 -16.59
N ASP A 50 14.58 -9.40 -15.32
CA ASP A 50 15.43 -10.41 -14.71
C ASP A 50 14.48 -11.39 -14.04
N LEU A 51 14.43 -12.62 -14.57
CA LEU A 51 13.47 -13.61 -14.11
C LEU A 51 13.70 -14.05 -12.67
N GLY A 52 14.97 -14.10 -12.24
CA GLY A 52 15.30 -14.39 -10.86
C GLY A 52 14.73 -13.34 -9.92
N LEU A 53 14.88 -12.07 -10.29
CA LEU A 53 14.33 -10.96 -9.50
C LEU A 53 12.79 -10.98 -9.52
N TRP A 54 12.22 -11.24 -10.69
CA TRP A 54 10.77 -11.38 -10.80
C TRP A 54 10.25 -12.49 -9.87
N ASP A 55 10.96 -13.61 -9.82
CA ASP A 55 10.56 -14.73 -8.97
CA ASP A 55 10.56 -14.73 -8.97
C ASP A 55 10.52 -14.32 -7.49
N LYS A 56 11.56 -13.62 -7.04
CA LYS A 56 11.66 -13.17 -5.65
C LYS A 56 10.61 -12.10 -5.37
N PHE A 57 10.49 -11.13 -6.27
CA PHE A 57 9.56 -10.02 -6.10
C PHE A 57 8.11 -10.50 -6.06
N SER A 58 7.73 -11.34 -7.02
CA SER A 58 6.34 -11.83 -7.11
C SER A 58 5.94 -12.67 -5.90
N GLU A 59 6.89 -13.45 -5.37
CA GLU A 59 6.65 -14.24 -4.15
C GLU A 59 6.39 -13.32 -2.96
N LEU A 60 7.19 -12.27 -2.85
CA LEU A 60 7.01 -11.27 -1.79
C LEU A 60 5.66 -10.56 -1.94
N ALA A 61 5.28 -10.27 -3.18
CA ALA A 61 4.01 -9.62 -3.44
C ALA A 61 2.83 -10.48 -2.99
N THR A 62 2.89 -11.78 -3.28
CA THR A 62 1.84 -12.69 -2.82
C THR A 62 1.73 -12.63 -1.29
N LYS A 63 2.87 -12.69 -0.61
CA LYS A 63 2.88 -12.65 0.86
C LYS A 63 2.26 -11.36 1.38
N CYS A 64 2.59 -10.23 0.75
CA CYS A 64 2.04 -8.95 1.21
C CYS A 64 0.55 -8.81 0.92
N ILE A 65 0.08 -9.37 -0.19
CA ILE A 65 -1.36 -9.40 -0.47
C ILE A 65 -2.10 -10.11 0.69
N ILE A 66 -1.57 -11.25 1.11
CA ILE A 66 -2.13 -11.99 2.26
C ILE A 66 -2.13 -11.13 3.53
N LYS A 67 -1.03 -10.41 3.76
CA LYS A 67 -0.92 -9.51 4.91
C LYS A 67 -1.92 -8.35 4.85
N ILE A 68 -2.17 -7.83 3.66
CA ILE A 68 -3.13 -6.75 3.49
C ILE A 68 -4.56 -7.25 3.81
N VAL A 69 -4.86 -8.47 3.37
CA VAL A 69 -6.15 -9.10 3.72
C VAL A 69 -6.25 -9.25 5.23
N GLU A 70 -5.18 -9.74 5.86
CA GLU A 70 -5.10 -9.89 7.32
CA GLU A 70 -5.14 -9.89 7.31
C GLU A 70 -5.35 -8.55 8.02
N PHE A 71 -4.71 -7.51 7.50
CA PHE A 71 -4.90 -6.15 8.01
C PHE A 71 -6.36 -5.73 7.92
N ALA A 72 -6.95 -5.91 6.74
CA ALA A 72 -8.35 -5.53 6.47
C ALA A 72 -9.30 -6.19 7.47
N LYS A 73 -9.08 -7.49 7.73
CA LYS A 73 -9.96 -8.27 8.61
C LYS A 73 -9.90 -7.80 10.06
N ARG A 74 -8.84 -7.06 10.40
CA ARG A 74 -8.70 -6.52 11.75
C ARG A 74 -9.28 -5.11 11.90
N LEU A 75 -9.66 -4.49 10.78
CA LEU A 75 -10.26 -3.17 10.84
C LEU A 75 -11.69 -3.27 11.38
N PRO A 76 -12.01 -2.50 12.43
CA PRO A 76 -13.35 -2.57 12.99
C PRO A 76 -14.45 -2.48 11.94
N GLY A 77 -15.35 -3.47 11.96
CA GLY A 77 -16.50 -3.47 11.06
C GLY A 77 -16.31 -4.13 9.70
N PHE A 78 -15.05 -4.34 9.31
CA PHE A 78 -14.77 -4.87 7.96
C PHE A 78 -15.45 -6.22 7.72
N THR A 79 -15.32 -7.13 8.68
CA THR A 79 -15.92 -8.47 8.54
C THR A 79 -17.44 -8.46 8.64
N GLY A 80 -18.01 -7.32 9.02
CA GLY A 80 -19.47 -7.12 9.03
C GLY A 80 -20.06 -6.79 7.67
N LEU A 81 -19.18 -6.46 6.71
CA LEU A 81 -19.59 -6.26 5.32
C LEU A 81 -19.82 -7.63 4.70
N SER A 82 -20.58 -7.65 3.61
CA SER A 82 -20.76 -8.89 2.84
C SER A 82 -19.40 -9.37 2.35
N ILE A 83 -19.26 -10.68 2.19
CA ILE A 83 -18.01 -11.26 1.68
C ILE A 83 -17.69 -10.69 0.30
N ALA A 84 -18.73 -10.53 -0.53
CA ALA A 84 -18.60 -9.90 -1.84
C ALA A 84 -18.01 -8.50 -1.72
N ASP A 85 -18.54 -7.70 -0.79
CA ASP A 85 -18.04 -6.33 -0.59
C ASP A 85 -16.61 -6.30 -0.06
N GLN A 86 -16.28 -7.23 0.82
CA GLN A 86 -14.92 -7.35 1.33
C GLN A 86 -13.95 -7.62 0.18
N ILE A 87 -14.30 -8.59 -0.66
CA ILE A 87 -13.48 -8.91 -1.84
C ILE A 87 -13.40 -7.73 -2.80
N THR A 88 -14.54 -7.06 -3.03
CA THR A 88 -14.58 -5.91 -3.92
C THR A 88 -13.62 -4.81 -3.43
N LEU A 89 -13.72 -4.48 -2.15
CA LEU A 89 -12.84 -3.46 -1.56
C LEU A 89 -11.36 -3.85 -1.67
N LEU A 90 -11.04 -5.10 -1.32
CA LEU A 90 -9.66 -5.58 -1.37
C LEU A 90 -9.11 -5.54 -2.79
N LYS A 91 -9.90 -5.99 -3.76
CA LYS A 91 -9.49 -5.95 -5.16
C LYS A 91 -9.25 -4.51 -5.63
N ALA A 92 -10.10 -3.59 -5.17
CA ALA A 92 -10.00 -2.19 -5.59
C ALA A 92 -8.79 -1.48 -4.98
N ALA A 93 -8.37 -1.90 -3.79
CA ALA A 93 -7.38 -1.13 -3.02
C ALA A 93 -6.03 -1.81 -2.79
N CYS A 94 -5.94 -3.11 -3.07
CA CYS A 94 -4.71 -3.83 -2.78
CA CYS A 94 -4.69 -3.83 -2.76
C CYS A 94 -3.47 -3.21 -3.41
N LEU A 95 -3.56 -2.88 -4.70
CA LEU A 95 -2.41 -2.29 -5.38
C LEU A 95 -2.04 -0.93 -4.78
N ASP A 96 -3.05 -0.13 -4.41
CA ASP A 96 -2.80 1.16 -3.73
C ASP A 96 -1.97 0.92 -2.48
N ILE A 97 -2.37 -0.07 -1.69
CA ILE A 97 -1.74 -0.32 -0.41
C ILE A 97 -0.34 -0.91 -0.58
N LEU A 98 -0.18 -1.79 -1.57
CA LEU A 98 1.15 -2.31 -1.91
C LEU A 98 2.10 -1.16 -2.27
N MET A 99 1.61 -0.22 -3.08
CA MET A 99 2.38 0.95 -3.47
CA MET A 99 2.38 0.95 -3.47
C MET A 99 2.81 1.77 -2.25
N LEU A 100 1.84 2.06 -1.38
CA LEU A 100 2.12 2.83 -0.17
C LEU A 100 3.14 2.09 0.68
N ARG A 101 2.96 0.78 0.83
CA ARG A 101 3.86 -0.02 1.66
C ARG A 101 5.31 0.00 1.15
N ILE A 102 5.52 -0.33 -0.11
CA ILE A 102 6.90 -0.36 -0.61
C ILE A 102 7.53 1.03 -0.55
N CYS A 103 6.74 2.06 -0.88
CA CYS A 103 7.26 3.44 -0.91
C CYS A 103 7.60 3.97 0.49
N THR A 104 6.94 3.42 1.50
CA THR A 104 7.24 3.76 2.89
C THR A 104 8.64 3.28 3.29
N ARG A 105 9.13 2.25 2.61
CA ARG A 105 10.45 1.69 2.93
C ARG A 105 11.51 2.17 1.94
N TYR A 106 11.34 3.40 1.48
CA TYR A 106 12.29 4.02 0.58
C TYR A 106 13.44 4.64 1.38
N THR A 107 14.67 4.32 0.97
CA THR A 107 15.87 4.93 1.55
C THR A 107 16.50 5.84 0.50
N PRO A 108 16.25 7.16 0.61
CA PRO A 108 16.71 8.09 -0.43
C PRO A 108 18.23 8.14 -0.64
N GLU A 109 18.99 8.09 0.46
CA GLU A 109 20.46 8.15 0.39
C GLU A 109 21.06 7.02 -0.44
N GLN A 110 20.41 5.86 -0.43
CA GLN A 110 20.89 4.67 -1.12
C GLN A 110 20.10 4.39 -2.40
N ASP A 111 19.02 5.16 -2.61
CA ASP A 111 18.11 4.96 -3.74
C ASP A 111 17.60 3.51 -3.79
N THR A 112 17.14 3.02 -2.65
CA THR A 112 16.63 1.65 -2.54
C THR A 112 15.22 1.61 -1.96
N MET A 113 14.53 0.50 -2.21
CA MET A 113 13.31 0.17 -1.45
C MET A 113 13.47 -1.21 -0.82
N THR A 114 12.88 -1.39 0.35
CA THR A 114 13.03 -2.62 1.13
C THR A 114 11.71 -3.34 1.28
N PHE A 115 11.71 -4.64 0.96
CA PHE A 115 10.53 -5.49 1.06
C PHE A 115 10.40 -6.07 2.47
N SER A 116 9.31 -6.79 2.71
CA SER A 116 8.92 -7.19 4.06
CA SER A 116 8.90 -7.23 4.05
C SER A 116 9.87 -8.16 4.74
N ASP A 117 10.68 -8.88 3.96
CA ASP A 117 11.67 -9.82 4.51
C ASP A 117 13.04 -9.18 4.67
N GLY A 118 13.15 -7.91 4.29
CA GLY A 118 14.40 -7.17 4.36
C GLY A 118 15.11 -7.05 3.02
N LEU A 119 14.63 -7.76 2.00
CA LEU A 119 15.24 -7.63 0.67
C LEU A 119 15.25 -6.17 0.23
N THR A 120 16.45 -5.66 -0.08
CA THR A 120 16.64 -4.26 -0.39
C THR A 120 17.20 -4.13 -1.79
N LEU A 121 16.40 -3.55 -2.69
CA LEU A 121 16.75 -3.45 -4.10
C LEU A 121 17.02 -2.01 -4.48
N ASN A 122 18.06 -1.78 -5.27
CA ASN A 122 18.29 -0.45 -5.83
C ASN A 122 17.30 -0.17 -6.97
N ARG A 123 17.32 1.06 -7.49
CA ARG A 123 16.37 1.46 -8.53
C ARG A 123 16.42 0.56 -9.77
N THR A 124 17.63 0.22 -10.21
CA THR A 124 17.80 -0.62 -11.38
C THR A 124 17.22 -2.02 -11.15
N GLN A 125 17.42 -2.55 -9.95
CA GLN A 125 16.90 -3.86 -9.60
C GLN A 125 15.38 -3.86 -9.49
N MET A 126 14.81 -2.78 -8.96
CA MET A 126 13.35 -2.61 -8.96
C MET A 126 12.82 -2.63 -10.39
N HIS A 127 13.48 -1.89 -11.29
CA HIS A 127 13.13 -1.91 -12.70
C HIS A 127 13.14 -3.34 -13.24
N ASN A 128 14.24 -4.05 -12.95
CA ASN A 128 14.49 -5.37 -13.52
C ASN A 128 13.65 -6.48 -12.89
N ALA A 129 13.12 -6.22 -11.71
CA ALA A 129 12.23 -7.16 -11.01
C ALA A 129 10.81 -7.18 -11.59
N GLY A 130 10.46 -6.16 -12.36
CA GLY A 130 9.15 -6.09 -13.00
C GLY A 130 8.56 -4.71 -13.14
N PHE A 131 9.05 -3.75 -12.36
CA PHE A 131 8.50 -2.39 -12.42
C PHE A 131 8.70 -1.75 -13.79
N GLY A 132 9.83 -2.03 -14.43
CA GLY A 132 10.09 -1.57 -15.80
C GLY A 132 9.91 -0.06 -15.92
N PRO A 133 9.23 0.40 -17.00
CA PRO A 133 8.99 1.83 -17.25
C PRO A 133 8.18 2.56 -16.15
N LEU A 134 7.72 1.83 -15.15
CA LEU A 134 6.99 2.41 -14.01
C LEU A 134 7.93 2.83 -12.87
N THR A 135 9.15 2.31 -12.87
CA THR A 135 10.08 2.45 -11.75
C THR A 135 10.30 3.90 -11.29
N ASP A 136 10.62 4.79 -12.21
CA ASP A 136 10.95 6.15 -11.82
C ASP A 136 9.74 6.92 -11.27
N LEU A 137 8.55 6.59 -11.75
CA LEU A 137 7.32 7.21 -11.23
C LEU A 137 7.05 6.75 -9.80
N VAL A 138 7.34 5.48 -9.53
CA VAL A 138 7.20 4.93 -8.18
C VAL A 138 8.21 5.58 -7.22
N PHE A 139 9.46 5.71 -7.66
CA PHE A 139 10.47 6.41 -6.84
C PHE A 139 10.09 7.87 -6.61
N ALA A 140 9.55 8.52 -7.63
CA ALA A 140 9.11 9.91 -7.50
C ALA A 140 7.98 10.05 -6.48
N PHE A 141 7.04 9.09 -6.50
CA PHE A 141 5.97 9.07 -5.49
C PHE A 141 6.56 8.91 -4.09
N ALA A 142 7.48 7.96 -3.94
CA ALA A 142 8.15 7.72 -2.66
C ALA A 142 8.87 8.98 -2.17
N GLY A 143 9.55 9.66 -3.10
CA GLY A 143 10.23 10.92 -2.79
C GLY A 143 9.29 11.99 -2.27
N GLN A 144 8.10 12.07 -2.88
CA GLN A 144 7.11 13.09 -2.48
C GLN A 144 6.32 12.70 -1.24
N LEU A 145 6.42 11.43 -0.86
CA LEU A 145 5.80 10.94 0.37
C LEU A 145 6.66 11.31 1.59
N LEU A 146 7.98 11.31 1.41
CA LEU A 146 8.94 11.57 2.49
C LEU A 146 8.67 12.79 3.37
N PRO A 147 8.47 13.98 2.73
CA PRO A 147 8.31 15.22 3.50
C PRO A 147 7.10 15.23 4.43
N LEU A 148 6.14 14.34 4.20
CA LEU A 148 4.99 14.21 5.08
C LEU A 148 5.39 13.65 6.44
N GLU A 149 6.52 12.92 6.46
CA GLU A 149 7.06 12.32 7.69
C GLU A 149 5.99 11.60 8.51
N MET A 150 5.13 10.85 7.81
CA MET A 150 4.07 10.08 8.46
C MET A 150 4.65 8.99 9.35
N ASP A 151 3.99 8.77 10.50
CA ASP A 151 4.39 7.66 11.37
C ASP A 151 3.56 6.41 11.06
N ASP A 152 3.78 5.33 11.81
CA ASP A 152 3.10 4.06 11.54
CA ASP A 152 3.10 4.07 11.51
C ASP A 152 1.58 4.15 11.69
N THR A 153 1.14 4.87 12.74
CA THR A 153 -0.29 5.07 12.99
C THR A 153 -0.96 5.76 11.81
N GLU A 154 -0.32 6.82 11.34
CA GLU A 154 -0.85 7.58 10.20
C GLU A 154 -0.87 6.74 8.93
N THR A 155 0.20 5.98 8.70
CA THR A 155 0.25 5.09 7.54
C THR A 155 -0.82 4.01 7.62
N GLY A 156 -1.02 3.46 8.82
CA GLY A 156 -2.09 2.48 9.04
C GLY A 156 -3.47 3.06 8.78
N LEU A 157 -3.73 4.23 9.35
CA LEU A 157 -5.03 4.87 9.15
C LEU A 157 -5.28 5.23 7.69
N LEU A 158 -4.24 5.75 7.02
CA LEU A 158 -4.37 6.10 5.60
C LEU A 158 -4.68 4.86 4.76
N SER A 159 -3.99 3.77 5.06
CA SER A 159 -4.24 2.49 4.38
C SER A 159 -5.69 2.04 4.57
N ALA A 160 -6.18 2.14 5.80
CA ALA A 160 -7.56 1.77 6.12
C ALA A 160 -8.57 2.62 5.35
N ILE A 161 -8.29 3.92 5.24
CA ILE A 161 -9.15 4.86 4.51
C ILE A 161 -9.17 4.55 3.01
N CYS A 162 -8.02 4.15 2.49
CA CYS A 162 -7.90 3.76 1.08
CA CYS A 162 -7.91 3.77 1.08
C CYS A 162 -8.73 2.53 0.77
N LEU A 163 -8.76 1.60 1.73
CA LEU A 163 -9.46 0.34 1.58
C LEU A 163 -10.96 0.49 1.76
N ILE A 164 -11.35 1.13 2.86
CA ILE A 164 -12.76 1.27 3.22
CA ILE A 164 -12.77 1.26 3.19
C ILE A 164 -13.32 2.53 2.57
N CYS A 165 -13.75 2.41 1.33
CA CYS A 165 -14.23 3.53 0.53
CA CYS A 165 -14.30 3.54 0.61
C CYS A 165 -15.50 3.14 -0.24
N GLY A 166 -16.58 3.90 -0.06
CA GLY A 166 -17.87 3.58 -0.64
C GLY A 166 -18.07 3.85 -2.11
N ASP A 167 -17.08 4.46 -2.76
CA ASP A 167 -17.21 4.82 -4.18
C ASP A 167 -16.83 3.68 -5.14
N ARG A 168 -16.31 2.59 -4.59
CA ARG A 168 -15.85 1.46 -5.40
C ARG A 168 -17.01 0.86 -6.17
N MET A 169 -16.78 0.62 -7.46
CA MET A 169 -17.78 0.02 -8.35
CA MET A 169 -17.78 0.02 -8.35
C MET A 169 -18.18 -1.38 -7.85
N ASP A 170 -19.45 -1.71 -8.04
CA ASP A 170 -20.01 -3.03 -7.72
C ASP A 170 -20.17 -3.35 -6.23
N LEU A 171 -20.11 -2.34 -5.37
CA LEU A 171 -20.42 -2.54 -3.97
C LEU A 171 -21.91 -2.79 -3.75
N GLU A 172 -22.22 -3.78 -2.93
CA GLU A 172 -23.60 -4.14 -2.61
C GLU A 172 -24.21 -3.14 -1.63
N GLU A 173 -23.38 -2.69 -0.69
CA GLU A 173 -23.84 -1.78 0.36
C GLU A 173 -22.86 -0.60 0.52
N PRO A 174 -22.80 0.31 -0.49
CA PRO A 174 -21.86 1.44 -0.44
C PRO A 174 -22.08 2.36 0.77
N GLU A 175 -23.34 2.56 1.16
CA GLU A 175 -23.65 3.43 2.30
C GLU A 175 -23.11 2.85 3.61
N LYS A 176 -23.12 1.53 3.70
CA LYS A 176 -22.56 0.83 4.87
C LYS A 176 -21.04 1.01 4.93
N VAL A 177 -20.40 0.97 3.77
CA VAL A 177 -18.95 1.20 3.66
C VAL A 177 -18.65 2.66 4.03
N ASP A 178 -19.44 3.60 3.50
CA ASP A 178 -19.33 5.02 3.88
C ASP A 178 -19.30 5.19 5.39
N LYS A 179 -20.23 4.53 6.07
CA LYS A 179 -20.38 4.66 7.52
C LYS A 179 -19.17 4.13 8.28
N LEU A 180 -18.53 3.08 7.74
CA LEU A 180 -17.35 2.51 8.35
CA LEU A 180 -17.36 2.51 8.34
C LEU A 180 -16.14 3.41 8.16
N GLN A 181 -16.10 4.13 7.05
CA GLN A 181 -14.98 5.03 6.77
C GLN A 181 -14.98 6.27 7.67
N GLU A 182 -16.17 6.72 8.06
CA GLU A 182 -16.31 7.98 8.81
C GLU A 182 -15.37 8.10 10.03
N PRO A 183 -15.44 7.13 10.97
CA PRO A 183 -14.55 7.23 12.14
C PRO A 183 -13.06 7.15 11.79
N LEU A 184 -12.70 6.46 10.70
CA LEU A 184 -11.31 6.39 10.28
C LEU A 184 -10.78 7.78 9.90
N LEU A 185 -11.62 8.52 9.17
CA LEU A 185 -11.25 9.90 8.80
C LEU A 185 -11.13 10.79 10.03
N GLU A 186 -12.10 10.67 10.94
CA GLU A 186 -12.08 11.42 12.20
CA GLU A 186 -12.08 11.43 12.18
C GLU A 186 -10.84 11.09 13.01
N ALA A 187 -10.50 9.81 13.06
CA ALA A 187 -9.34 9.33 13.81
C ALA A 187 -8.03 9.90 13.24
N LEU A 188 -7.91 9.89 11.93
CA LEU A 188 -6.69 10.37 11.30
C LEU A 188 -6.50 11.87 11.55
N ARG A 189 -7.59 12.64 11.44
CA ARG A 189 -7.46 14.08 11.64
C ARG A 189 -7.09 14.38 13.10
N LEU A 190 -7.75 13.71 14.03
CA LEU A 190 -7.49 13.91 15.46
C LEU A 190 -6.05 13.57 15.79
N TYR A 191 -5.59 12.41 15.32
CA TYR A 191 -4.24 11.96 15.60
C TYR A 191 -3.18 12.86 14.97
N ALA A 192 -3.37 13.21 13.69
CA ALA A 192 -2.38 14.01 12.97
C ALA A 192 -2.19 15.38 13.59
N ARG A 193 -3.31 16.01 13.98
CA ARG A 193 -3.31 17.34 14.57
C ARG A 193 -2.70 17.33 15.98
N ARG A 194 -2.98 16.27 16.73
CA ARG A 194 -2.42 16.12 18.06
C ARG A 194 -0.90 15.93 18.02
N ARG A 195 -0.44 15.12 17.07
CA ARG A 195 0.98 14.79 16.99
C ARG A 195 1.80 15.99 16.52
N ARG A 196 1.27 16.71 15.52
CA ARG A 196 1.97 17.85 14.94
C ARG A 196 1.03 19.05 14.79
N PRO A 197 0.71 19.70 15.91
CA PRO A 197 -0.26 20.81 15.90
C PRO A 197 0.18 22.02 15.08
N GLU A 198 1.49 22.18 14.88
CA GLU A 198 2.04 23.31 14.13
C GLU A 198 2.07 23.06 12.61
N GLN A 199 1.61 21.88 12.20
CA GLN A 199 1.51 21.56 10.77
C GLN A 199 0.08 21.14 10.42
N PRO A 200 -0.87 22.10 10.43
CA PRO A 200 -2.28 21.75 10.25
C PRO A 200 -2.66 21.29 8.84
N TYR A 201 -1.78 21.48 7.86
CA TYR A 201 -2.10 21.00 6.50
C TYR A 201 -1.79 19.51 6.35
N MET A 202 -1.28 18.88 7.40
CA MET A 202 -0.89 17.47 7.26
CA MET A 202 -0.91 17.46 7.32
C MET A 202 -2.07 16.56 6.91
N PHE A 203 -3.19 16.71 7.61
CA PHE A 203 -4.39 15.92 7.31
C PHE A 203 -4.85 16.05 5.84
N PRO A 204 -5.16 17.29 5.37
CA PRO A 204 -5.51 17.38 3.95
C PRO A 204 -4.42 16.88 2.99
N ARG A 205 -3.14 17.09 3.31
CA ARG A 205 -2.04 16.55 2.48
C ARG A 205 -2.14 15.04 2.38
N MET A 206 -2.35 14.37 3.52
CA MET A 206 -2.52 12.91 3.58
CA MET A 206 -2.49 12.92 3.52
C MET A 206 -3.69 12.46 2.70
N LEU A 207 -4.83 13.14 2.82
CA LEU A 207 -6.00 12.79 2.02
C LEU A 207 -5.73 12.93 0.52
N MET A 208 -4.99 13.97 0.12
CA MET A 208 -4.63 14.13 -1.28
C MET A 208 -3.68 13.05 -1.81
N LYS A 209 -2.92 12.42 -0.91
CA LYS A 209 -2.07 11.29 -1.29
C LYS A 209 -2.88 10.10 -1.80
N ILE A 210 -4.11 9.95 -1.31
CA ILE A 210 -5.01 8.88 -1.78
C ILE A 210 -5.20 8.98 -3.29
N THR A 211 -5.45 10.20 -3.77
CA THR A 211 -5.61 10.44 -5.20
C THR A 211 -4.33 10.12 -5.98
N ASP A 212 -3.18 10.54 -5.43
CA ASP A 212 -1.88 10.24 -6.05
C ASP A 212 -1.64 8.74 -6.10
N LEU A 213 -2.02 8.06 -5.02
CA LEU A 213 -1.88 6.62 -4.90
C LEU A 213 -2.71 5.91 -5.96
N ARG A 214 -3.96 6.34 -6.14
CA ARG A 214 -4.83 5.79 -7.19
C ARG A 214 -4.22 6.01 -8.58
N GLY A 215 -3.62 7.18 -8.80
CA GLY A 215 -3.00 7.48 -10.09
C GLY A 215 -1.84 6.55 -10.41
N ILE A 216 -0.98 6.31 -9.43
CA ILE A 216 0.20 5.46 -9.62
C ILE A 216 -0.22 3.99 -9.74
N SER A 217 -1.28 3.61 -9.03
CA SER A 217 -1.80 2.25 -9.11
CA SER A 217 -1.82 2.26 -9.09
C SER A 217 -2.44 1.97 -10.47
N THR A 218 -3.10 2.97 -11.05
CA THR A 218 -3.65 2.81 -12.39
CA THR A 218 -3.65 2.86 -12.40
C THR A 218 -2.51 2.56 -13.37
N LYS A 219 -1.41 3.30 -13.21
CA LYS A 219 -0.21 3.09 -14.02
C LYS A 219 0.41 1.73 -13.75
N GLY A 220 0.33 1.29 -12.49
CA GLY A 220 0.79 -0.05 -12.11
C GLY A 220 0.01 -1.13 -12.83
N ALA A 221 -1.30 -0.95 -12.91
CA ALA A 221 -2.17 -1.90 -13.61
C ALA A 221 -1.83 -1.96 -15.10
N GLU A 222 -1.50 -0.81 -15.68
CA GLU A 222 -1.07 -0.72 -17.08
C GLU A 222 0.26 -1.46 -17.29
N ARG A 223 1.19 -1.27 -16.36
CA ARG A 223 2.47 -1.98 -16.39
C ARG A 223 2.28 -3.49 -16.33
N ALA A 224 1.34 -3.94 -15.50
CA ALA A 224 1.06 -5.37 -15.36
C ALA A 224 0.71 -6.02 -16.69
N ILE A 225 -0.04 -5.30 -17.52
CA ILE A 225 -0.46 -5.80 -18.84
C ILE A 225 0.75 -6.12 -19.73
N THR A 226 1.69 -5.17 -19.80
CA THR A 226 2.89 -5.33 -20.60
CA THR A 226 2.90 -5.34 -20.60
C THR A 226 3.84 -6.37 -19.98
N LEU A 227 3.88 -6.40 -18.64
CA LEU A 227 4.71 -7.36 -17.93
C LEU A 227 4.28 -8.80 -18.20
N LYS A 228 2.97 -9.01 -18.35
CA LYS A 228 2.41 -10.33 -18.66
C LYS A 228 3.04 -10.97 -19.91
N MET A 229 3.46 -10.12 -20.85
CA MET A 229 4.04 -10.58 -22.11
C MET A 229 5.51 -10.98 -21.97
N GLU A 230 6.13 -10.55 -20.88
CA GLU A 230 7.56 -10.75 -20.67
C GLU A 230 7.87 -11.96 -19.78
N ILE A 231 6.89 -12.38 -18.99
CA ILE A 231 7.05 -13.50 -18.06
C ILE A 231 6.78 -14.85 -18.74
N PRO A 232 7.54 -15.90 -18.37
CA PRO A 232 7.46 -17.22 -19.03
C PRO A 232 6.21 -18.03 -18.68
N GLY A 233 5.49 -17.63 -17.64
CA GLY A 233 4.25 -18.29 -17.24
C GLY A 233 3.28 -17.28 -16.68
N PRO A 234 2.11 -17.75 -16.19
CA PRO A 234 1.15 -16.83 -15.59
C PRO A 234 1.64 -16.26 -14.27
N MET A 235 1.19 -15.06 -13.92
CA MET A 235 1.49 -14.47 -12.62
C MET A 235 0.89 -15.33 -11.51
N PRO A 236 1.46 -15.25 -10.29
CA PRO A 236 0.87 -15.95 -9.15
C PRO A 236 -0.63 -15.63 -8.97
N PRO A 237 -1.41 -16.63 -8.53
CA PRO A 237 -2.86 -16.47 -8.49
C PRO A 237 -3.39 -15.29 -7.68
N LEU A 238 -2.77 -14.97 -6.55
CA LEU A 238 -3.24 -13.83 -5.75
C LEU A 238 -2.97 -12.49 -6.43
N ILE A 239 -1.88 -12.43 -7.21
CA ILE A 239 -1.56 -11.25 -8.00
C ILE A 239 -2.59 -11.12 -9.13
N ARG A 240 -2.98 -12.24 -9.73
CA ARG A 240 -4.04 -12.24 -10.72
C ARG A 240 -5.39 -11.79 -10.13
N GLU A 241 -5.68 -12.23 -8.91
CA GLU A 241 -6.89 -11.77 -8.22
C GLU A 241 -6.88 -10.26 -8.03
N MET A 242 -5.70 -9.71 -7.77
CA MET A 242 -5.58 -8.26 -7.57
C MET A 242 -5.78 -7.48 -8.87
N LEU A 243 -5.28 -8.03 -9.97
CA LEU A 243 -5.18 -7.30 -11.23
C LEU A 243 -6.31 -7.58 -12.22
N GLU A 244 -6.62 -8.87 -12.39
CA GLU A 244 -7.50 -9.33 -13.46
C GLU A 244 -8.97 -9.12 -13.11
C1 9CR B . 3.39 -4.48 -10.39
C2 9CR B . 3.06 -5.50 -11.48
C3 9CR B . 3.43 -6.92 -11.10
C4 9CR B . 2.70 -7.33 -9.83
C5 9CR B . 2.88 -6.31 -8.73
C6 9CR B . 3.20 -5.02 -8.97
C7 9CR B . 3.33 -4.03 -7.87
C8 9CR B . 3.97 -4.20 -6.71
C9 9CR B . 4.01 -3.07 -5.74
C10 9CR B . 4.42 -3.18 -4.46
C11 9CR B . 4.90 -4.39 -3.81
C12 9CR B . 5.13 -4.27 -2.50
C13 9CR B . 5.66 -5.34 -1.64
C14 9CR B . 6.05 -4.93 -0.41
C15 9CR B . 6.64 -5.70 0.71
C16 9CR B . 2.45 -3.31 -10.59
C17 9CR B . 4.84 -4.01 -10.55
C18 9CR B . 2.65 -6.84 -7.34
C19 9CR B . 3.57 -1.71 -6.18
C20 9CR B . 5.75 -6.76 -2.14
O1 9CR B . 6.65 -5.14 1.84
O2 9CR B . 7.15 -6.83 0.55
C1B LMU C . 0.51 -17.36 4.09
C2B LMU C . 1.34 -18.45 3.43
C3B LMU C . 2.79 -17.98 3.43
C4B LMU C . 3.01 -16.78 4.36
C5B LMU C . 2.24 -16.88 5.68
C6B LMU C . 2.32 -15.62 6.53
O1B LMU C . -0.90 -17.48 3.85
O2B LMU C . 1.21 -19.68 4.15
O3B LMU C . 3.16 -17.62 2.09
O4' LMU C . 4.41 -16.64 4.63
O5B LMU C . 0.86 -17.22 5.47
O6B LMU C . 1.21 -14.75 6.25
C1' LMU C . -4.52 -18.44 5.56
C2' LMU C . -3.43 -18.10 6.58
C3' LMU C . -2.24 -17.42 5.89
C4' LMU C . -1.72 -18.26 4.71
C5' LMU C . -2.86 -18.78 3.82
C6' LMU C . -2.37 -19.83 2.83
O1' LMU C . -5.06 -17.26 4.97
O2' LMU C . -3.94 -17.24 7.61
O3' LMU C . -1.22 -17.17 6.85
O5' LMU C . -3.96 -19.31 4.56
O6' LMU C . -1.90 -20.99 3.54
C1 LMU C . -6.28 -17.49 4.27
C2 LMU C . -6.73 -16.20 3.59
C3 LMU C . -5.87 -15.92 2.36
C4 LMU C . -6.22 -14.57 1.74
C5 LMU C . -7.09 -14.76 0.51
C6 LMU C . -7.94 -13.52 0.22
C7 LMU C . -7.91 -13.21 -1.26
C8 LMU C . -9.01 -12.21 -1.62
C9 LMU C . -8.73 -11.56 -2.97
C10 LMU C . -7.99 -10.25 -2.82
C11 LMU C . -7.45 -9.77 -4.16
C12 LMU C . -6.42 -8.68 -3.96
CL CL D . -11.79 -11.95 -13.06
#